data_8AED
#
_entry.id   8AED
#
_cell.length_a   50.795
_cell.length_b   55.233
_cell.length_c   58.032
_cell.angle_alpha   90.000
_cell.angle_beta   98.540
_cell.angle_gamma   90.000
#
_symmetry.space_group_name_H-M   'P 1 21 1'
#
loop_
_entity.id
_entity.type
_entity.pdbx_description
1 polymer 'Broadly neutralizing DARPin bnD.9'
2 polymer 'Envelope glycoprotein gp160'
3 non-polymer 1,2-ETHANEDIOL
4 non-polymer 'ACETATE ION'
5 non-polymer 'MAGNESIUM ION'
6 non-polymer 'CITRIC ACID'
7 water water
#
loop_
_entity_poly.entity_id
_entity_poly.type
_entity_poly.pdbx_seq_one_letter_code
_entity_poly.pdbx_strand_id
1 'polypeptide(L)'
;GSDLGKKLLEAAYYGQLDEVRILMANGADVNAVDVHGITPLHLAAYFGHLEIVEVLLKTGADVNARDNRGITPLHLAAAM
GHLEIVEVLLKAGADVNAFDEAGDTPLHLAALKGHLEIVEVLLKHGADVNAQDKFGKTAFDISIDNGNEDIAEVLQKAAK
LN
;
A,B
2 'polypeptide(L)' NTRKSIRIGPGQAFYATGDIIGDI C,D
#
# COMPACT_ATOMS: atom_id res chain seq x y z
N ASP A 3 16.19 5.22 17.92
CA ASP A 3 15.62 6.28 17.10
C ASP A 3 15.74 5.92 15.62
N LEU A 4 16.88 5.35 15.23
CA LEU A 4 17.05 4.95 13.84
C LEU A 4 16.06 3.86 13.46
N GLY A 5 15.77 2.93 14.37
CA GLY A 5 14.84 1.85 14.06
C GLY A 5 13.43 2.34 13.86
N LYS A 6 12.98 3.28 14.71
CA LYS A 6 11.66 3.87 14.52
C LYS A 6 11.60 4.62 13.20
N LYS A 7 12.65 5.39 12.87
CA LYS A 7 12.67 6.10 11.59
C LYS A 7 12.67 5.12 10.42
N LEU A 8 13.34 3.98 10.57
CA LEU A 8 13.35 2.99 9.50
C LEU A 8 11.97 2.36 9.31
N LEU A 9 11.28 2.05 10.41
CA LEU A 9 9.90 1.58 10.29
C LEU A 9 9.04 2.60 9.54
N GLU A 10 9.15 3.88 9.92
CA GLU A 10 8.35 4.92 9.28
C GLU A 10 8.72 5.10 7.81
N ALA A 11 10.02 5.00 7.50
CA ALA A 11 10.47 5.12 6.12
C ALA A 11 9.89 4.00 5.27
N ALA A 12 9.87 2.79 5.79
CA ALA A 12 9.27 1.67 5.06
C ALA A 12 7.78 1.91 4.86
N TYR A 13 7.09 2.37 5.90
CA TYR A 13 5.65 2.62 5.84
C TYR A 13 5.31 3.55 4.68
N TYR A 14 6.02 4.67 4.57
CA TYR A 14 5.67 5.76 3.68
C TYR A 14 6.45 5.74 2.37
N GLY A 15 7.09 4.62 2.05
CA GLY A 15 7.73 4.51 0.75
C GLY A 15 8.97 5.38 0.59
N GLN A 16 9.66 5.66 1.68
N GLN A 16 9.65 5.68 1.69
CA GLN A 16 10.81 6.59 1.67
CA GLN A 16 10.81 6.56 1.69
C GLN A 16 12.09 5.83 1.35
C GLN A 16 12.04 5.74 1.36
N LEU A 17 12.19 5.44 0.07
CA LEU A 17 13.29 4.57 -0.38
C LEU A 17 14.65 5.19 -0.10
N ASP A 18 14.85 6.46 -0.49
CA ASP A 18 16.15 7.09 -0.28
C ASP A 18 16.49 7.17 1.20
N GLU A 19 15.50 7.43 2.05
CA GLU A 19 15.75 7.50 3.47
C GLU A 19 16.06 6.12 4.05
N VAL A 20 15.45 5.06 3.52
CA VAL A 20 15.82 3.72 3.94
C VAL A 20 17.31 3.51 3.72
N ARG A 21 17.81 3.88 2.55
CA ARG A 21 19.23 3.71 2.26
C ARG A 21 20.09 4.51 3.23
N ILE A 22 19.70 5.76 3.47
CA ILE A 22 20.48 6.63 4.35
C ILE A 22 20.49 6.09 5.78
N LEU A 23 19.33 5.69 6.28
CA LEU A 23 19.26 5.18 7.64
C LEU A 23 20.13 3.95 7.82
N MET A 24 20.14 3.06 6.84
N MET A 24 20.07 3.04 6.84
CA MET A 24 20.95 1.85 6.99
CA MET A 24 20.93 1.85 6.86
C MET A 24 22.43 2.13 6.79
C MET A 24 22.38 2.24 6.90
N ALA A 25 22.76 3.17 6.03
CA ALA A 25 24.16 3.57 5.94
C ALA A 25 24.63 4.16 7.27
N ASN A 26 23.70 4.72 8.04
CA ASN A 26 24.01 5.33 9.32
C ASN A 26 23.81 4.39 10.50
N GLY A 27 23.65 3.10 10.24
CA GLY A 27 23.64 2.10 11.29
C GLY A 27 22.29 1.61 11.74
N ALA A 28 21.20 1.96 11.06
CA ALA A 28 19.90 1.46 11.47
C ALA A 28 19.87 -0.05 11.33
N ASP A 29 19.19 -0.71 12.27
CA ASP A 29 19.02 -2.15 12.27
C ASP A 29 17.96 -2.53 11.23
N VAL A 30 18.38 -3.21 10.17
CA VAL A 30 17.46 -3.65 9.13
C VAL A 30 16.37 -4.55 9.71
N ASN A 31 16.65 -5.18 10.85
CA ASN A 31 15.70 -6.05 11.53
C ASN A 31 15.07 -5.38 12.74
N ALA A 32 15.02 -4.05 12.73
CA ALA A 32 14.27 -3.32 13.73
C ALA A 32 12.87 -3.91 13.84
N VAL A 33 12.34 -3.95 15.05
CA VAL A 33 11.04 -4.58 15.29
C VAL A 33 10.30 -3.81 16.36
N ASP A 34 9.01 -3.59 16.14
CA ASP A 34 8.19 -2.88 17.10
C ASP A 34 7.58 -3.86 18.10
N VAL A 35 6.89 -3.32 19.10
CA VAL A 35 6.32 -4.15 20.17
C VAL A 35 5.21 -5.07 19.66
N HIS A 36 4.77 -4.92 18.42
CA HIS A 36 3.81 -5.82 17.80
C HIS A 36 4.49 -6.90 16.98
N GLY A 37 5.81 -6.89 16.93
CA GLY A 37 6.56 -7.81 16.09
C GLY A 37 6.70 -7.40 14.64
N ILE A 38 6.36 -6.17 14.31
CA ILE A 38 6.36 -5.70 12.93
C ILE A 38 7.72 -5.12 12.60
N THR A 39 8.26 -5.53 11.45
CA THR A 39 9.57 -5.09 10.93
C THR A 39 9.39 -4.20 9.71
N PRO A 40 10.45 -3.50 9.29
CA PRO A 40 10.36 -2.71 8.05
C PRO A 40 9.94 -3.54 6.87
N LEU A 41 10.42 -4.77 6.78
CA LEU A 41 10.06 -5.62 5.66
C LEU A 41 8.56 -5.94 5.65
N HIS A 42 7.96 -6.17 6.82
CA HIS A 42 6.51 -6.37 6.85
C HIS A 42 5.79 -5.17 6.25
N LEU A 43 6.18 -3.95 6.64
CA LEU A 43 5.48 -2.76 6.21
C LEU A 43 5.64 -2.54 4.71
N ALA A 44 6.86 -2.72 4.20
CA ALA A 44 7.08 -2.57 2.77
C ALA A 44 6.26 -3.59 1.97
N ALA A 45 6.15 -4.81 2.49
CA ALA A 45 5.35 -5.82 1.81
C ALA A 45 3.87 -5.47 1.83
N TYR A 46 3.36 -4.98 2.97
CA TYR A 46 1.94 -4.68 3.08
C TYR A 46 1.53 -3.53 2.18
N PHE A 47 2.35 -2.49 2.10
CA PHE A 47 2.02 -1.28 1.38
C PHE A 47 2.49 -1.29 -0.07
N GLY A 48 3.16 -2.35 -0.52
CA GLY A 48 3.50 -2.49 -1.91
C GLY A 48 4.72 -1.72 -2.35
N HIS A 49 5.70 -1.54 -1.46
CA HIS A 49 6.91 -0.79 -1.76
C HIS A 49 7.98 -1.79 -2.21
N LEU A 50 7.96 -2.11 -3.50
CA LEU A 50 8.81 -3.18 -4.01
C LEU A 50 10.29 -2.86 -3.87
N GLU A 51 10.70 -1.63 -4.22
CA GLU A 51 12.10 -1.28 -4.17
C GLU A 51 12.62 -1.31 -2.73
N ILE A 52 11.79 -0.91 -1.78
CA ILE A 52 12.17 -1.00 -0.38
C ILE A 52 12.32 -2.45 0.04
N VAL A 53 11.39 -3.32 -0.38
CA VAL A 53 11.55 -4.75 -0.11
C VAL A 53 12.93 -5.21 -0.58
N GLU A 54 13.30 -4.85 -1.81
CA GLU A 54 14.56 -5.30 -2.37
C GLU A 54 15.76 -4.77 -1.59
N VAL A 55 15.75 -3.49 -1.23
N VAL A 55 15.74 -3.50 -1.20
CA VAL A 55 16.88 -2.91 -0.49
CA VAL A 55 16.90 -2.94 -0.51
C VAL A 55 17.00 -3.54 0.88
C VAL A 55 17.01 -3.47 0.91
N LEU A 56 15.87 -3.71 1.58
CA LEU A 56 15.91 -4.33 2.90
C LEU A 56 16.50 -5.73 2.82
N LEU A 57 16.05 -6.53 1.85
CA LEU A 57 16.60 -7.87 1.70
C LEU A 57 18.10 -7.83 1.41
N LYS A 58 18.52 -6.93 0.51
CA LYS A 58 19.94 -6.84 0.18
C LYS A 58 20.77 -6.54 1.41
N THR A 59 20.24 -5.75 2.34
CA THR A 59 20.97 -5.30 3.51
C THR A 59 20.73 -6.17 4.74
N GLY A 60 20.07 -7.30 4.58
CA GLY A 60 20.08 -8.33 5.60
C GLY A 60 18.76 -8.59 6.31
N ALA A 61 17.65 -8.01 5.83
CA ALA A 61 16.37 -8.25 6.49
C ALA A 61 16.03 -9.73 6.50
N ASP A 62 15.47 -10.17 7.64
CA ASP A 62 14.99 -11.53 7.79
C ASP A 62 13.69 -11.69 6.98
N VAL A 63 13.78 -12.44 5.88
CA VAL A 63 12.64 -12.64 4.99
C VAL A 63 11.50 -13.35 5.69
N ASN A 64 11.81 -14.07 6.77
CA ASN A 64 10.85 -14.91 7.47
C ASN A 64 10.44 -14.37 8.83
N ALA A 65 10.62 -13.09 9.07
CA ALA A 65 10.23 -12.51 10.33
C ALA A 65 8.73 -12.73 10.55
N ARG A 66 8.38 -13.17 11.75
CA ARG A 66 7.00 -13.34 12.18
C ARG A 66 6.66 -12.25 13.18
N ASP A 67 5.52 -11.59 13.00
CA ASP A 67 5.05 -10.65 14.01
C ASP A 67 4.39 -11.45 15.14
N ASN A 68 3.77 -10.76 16.09
CA ASN A 68 3.23 -11.42 17.28
C ASN A 68 2.04 -12.31 16.97
N ARG A 69 1.47 -12.21 15.77
CA ARG A 69 0.39 -13.06 15.30
C ARG A 69 0.87 -14.09 14.30
N GLY A 70 2.18 -14.25 14.15
CA GLY A 70 2.72 -15.20 13.21
C GLY A 70 2.65 -14.78 11.75
N ILE A 71 2.33 -13.54 11.49
CA ILE A 71 2.23 -13.03 10.12
C ILE A 71 3.63 -12.68 9.62
N THR A 72 3.95 -13.15 8.41
CA THR A 72 5.22 -12.90 7.73
C THR A 72 5.04 -11.86 6.63
N PRO A 73 6.14 -11.30 6.12
CA PRO A 73 6.00 -10.41 4.96
C PRO A 73 5.31 -11.07 3.78
N LEU A 74 5.54 -12.38 3.55
CA LEU A 74 4.87 -13.06 2.45
C LEU A 74 3.37 -13.13 2.65
N HIS A 75 2.91 -13.38 3.88
CA HIS A 75 1.48 -13.34 4.16
C HIS A 75 0.90 -12.01 3.68
N LEU A 76 1.56 -10.91 4.04
CA LEU A 76 1.02 -9.57 3.78
C LEU A 76 1.04 -9.25 2.29
N ALA A 77 2.16 -9.52 1.61
CA ALA A 77 2.20 -9.27 0.17
C ALA A 77 1.17 -10.13 -0.57
N ALA A 78 1.02 -11.39 -0.17
CA ALA A 78 0.08 -12.26 -0.84
C ALA A 78 -1.37 -11.76 -0.66
N ALA A 79 -1.72 -11.36 0.56
CA ALA A 79 -3.08 -10.88 0.82
C ALA A 79 -3.35 -9.58 0.08
N MET A 80 -2.37 -8.69 0.02
CA MET A 80 -2.54 -7.35 -0.54
C MET A 80 -2.32 -7.29 -2.04
N GLY A 81 -2.08 -8.43 -2.69
CA GLY A 81 -2.09 -8.48 -4.13
C GLY A 81 -0.83 -8.01 -4.83
N HIS A 82 0.32 -8.07 -4.15
CA HIS A 82 1.59 -7.55 -4.68
C HIS A 82 2.40 -8.73 -5.21
N LEU A 83 2.16 -9.08 -6.48
N LEU A 83 2.11 -9.11 -6.45
CA LEU A 83 2.75 -10.30 -7.03
CA LEU A 83 2.76 -10.26 -7.07
C LEU A 83 4.27 -10.21 -7.11
C LEU A 83 4.27 -10.03 -7.18
N GLU A 84 4.80 -9.11 -7.63
N GLU A 84 4.83 -8.79 -7.67
CA GLU A 84 6.25 -9.04 -7.77
CA GLU A 84 6.28 -8.94 -7.78
C GLU A 84 6.94 -9.13 -6.41
C GLU A 84 6.94 -9.13 -6.41
N ILE A 85 6.36 -8.51 -5.38
CA ILE A 85 6.92 -8.64 -4.04
C ILE A 85 6.88 -10.09 -3.58
N VAL A 86 5.74 -10.77 -3.83
CA VAL A 86 5.66 -12.19 -3.54
C VAL A 86 6.82 -12.95 -4.16
N GLU A 87 7.08 -12.67 -5.44
CA GLU A 87 8.16 -13.37 -6.15
C GLU A 87 9.52 -13.06 -5.55
N VAL A 88 9.78 -11.80 -5.23
CA VAL A 88 11.05 -11.41 -4.63
C VAL A 88 11.24 -12.08 -3.28
N LEU A 89 10.18 -12.11 -2.46
CA LEU A 89 10.29 -12.74 -1.14
C LEU A 89 10.57 -14.23 -1.27
N LEU A 90 9.87 -14.90 -2.17
CA LEU A 90 10.13 -16.32 -2.37
C LEU A 90 11.55 -16.56 -2.85
N LYS A 91 12.03 -15.74 -3.78
CA LYS A 91 13.39 -15.92 -4.27
C LYS A 91 14.41 -15.77 -3.15
N ALA A 92 14.12 -14.93 -2.16
CA ALA A 92 14.99 -14.70 -1.02
C ALA A 92 14.85 -15.74 0.07
N GLY A 93 14.00 -16.74 -0.10
CA GLY A 93 13.88 -17.81 0.87
C GLY A 93 12.66 -17.76 1.76
N ALA A 94 11.67 -16.95 1.43
CA ALA A 94 10.48 -16.88 2.26
C ALA A 94 9.83 -18.26 2.38
N ASP A 95 9.37 -18.58 3.58
CA ASP A 95 8.64 -19.82 3.83
C ASP A 95 7.26 -19.75 3.18
N VAL A 96 7.06 -20.55 2.12
CA VAL A 96 5.83 -20.51 1.34
C VAL A 96 4.63 -20.94 2.18
N ASN A 97 4.83 -21.84 3.12
CA ASN A 97 3.74 -22.37 3.93
C ASN A 97 3.79 -21.91 5.39
N ALA A 98 4.32 -20.71 5.63
CA ALA A 98 4.26 -20.15 6.98
C ALA A 98 2.82 -20.11 7.47
N PHE A 99 2.60 -20.56 8.70
CA PHE A 99 1.29 -20.53 9.35
C PHE A 99 1.23 -19.39 10.36
N ASP A 100 0.24 -18.51 10.24
CA ASP A 100 0.00 -17.50 11.28
C ASP A 100 -0.75 -18.14 12.45
N GLU A 101 -1.09 -17.33 13.46
CA GLU A 101 -1.70 -17.85 14.67
C GLU A 101 -3.14 -18.33 14.45
N ALA A 102 -3.76 -17.99 13.32
CA ALA A 102 -5.05 -18.55 12.93
C ALA A 102 -4.89 -19.82 12.11
N GLY A 103 -3.64 -20.24 11.86
CA GLY A 103 -3.36 -21.36 10.98
C GLY A 103 -3.40 -21.04 9.51
N ASP A 104 -3.52 -19.77 9.14
CA ASP A 104 -3.56 -19.42 7.73
C ASP A 104 -2.16 -19.27 7.16
N THR A 105 -1.97 -19.81 5.96
CA THR A 105 -0.77 -19.70 5.18
C THR A 105 -0.93 -18.61 4.13
N PRO A 106 0.15 -18.21 3.45
CA PRO A 106 -0.01 -17.29 2.32
C PRO A 106 -1.01 -17.76 1.28
N LEU A 107 -1.08 -19.07 1.03
CA LEU A 107 -2.05 -19.59 0.07
C LEU A 107 -3.48 -19.37 0.54
N HIS A 108 -3.74 -19.58 1.84
CA HIS A 108 -5.06 -19.27 2.36
C HIS A 108 -5.42 -17.80 2.11
N LEU A 109 -4.47 -16.89 2.37
CA LEU A 109 -4.80 -15.46 2.27
C LEU A 109 -4.93 -15.03 0.81
N ALA A 110 -4.11 -15.58 -0.08
CA ALA A 110 -4.24 -15.29 -1.50
C ALA A 110 -5.58 -15.79 -2.04
N ALA A 111 -6.04 -16.95 -1.55
CA ALA A 111 -7.38 -17.42 -1.90
C ALA A 111 -8.44 -16.53 -1.28
N LEU A 112 -8.26 -16.14 -0.02
CA LEU A 112 -9.25 -15.31 0.66
C LEU A 112 -9.49 -14.00 -0.11
N LYS A 113 -8.43 -13.39 -0.60
CA LYS A 113 -8.52 -12.13 -1.32
C LYS A 113 -8.49 -12.30 -2.84
N GLY A 114 -8.67 -13.53 -3.31
CA GLY A 114 -9.00 -13.76 -4.71
C GLY A 114 -7.94 -13.44 -5.73
N HIS A 115 -6.67 -13.68 -5.40
CA HIS A 115 -5.56 -13.31 -6.28
C HIS A 115 -5.07 -14.54 -7.04
N LEU A 116 -5.54 -14.70 -8.26
CA LEU A 116 -5.32 -15.93 -9.02
C LEU A 116 -3.84 -16.18 -9.29
N GLU A 117 -3.15 -15.21 -9.88
CA GLU A 117 -1.76 -15.44 -10.25
C GLU A 117 -0.86 -15.58 -9.01
N ILE A 118 -1.21 -14.90 -7.91
CA ILE A 118 -0.47 -15.11 -6.68
C ILE A 118 -0.67 -16.53 -6.17
N VAL A 119 -1.91 -17.03 -6.19
CA VAL A 119 -2.13 -18.44 -5.88
C VAL A 119 -1.24 -19.33 -6.75
N GLU A 120 -1.18 -19.05 -8.05
CA GLU A 120 -0.43 -19.89 -8.95
C GLU A 120 1.06 -19.87 -8.63
N VAL A 121 1.61 -18.69 -8.35
N VAL A 121 1.62 -18.70 -8.35
CA VAL A 121 3.04 -18.60 -8.03
CA VAL A 121 3.05 -18.65 -8.04
C VAL A 121 3.33 -19.34 -6.73
C VAL A 121 3.33 -19.35 -6.71
N LEU A 122 2.47 -19.17 -5.71
CA LEU A 122 2.65 -19.88 -4.46
C LEU A 122 2.62 -21.39 -4.68
N LEU A 123 1.67 -21.87 -5.48
CA LEU A 123 1.63 -23.30 -5.77
C LEU A 123 2.91 -23.77 -6.46
N LYS A 124 3.42 -22.99 -7.42
CA LYS A 124 4.64 -23.38 -8.11
C LYS A 124 5.84 -23.44 -7.18
N HIS A 125 5.79 -22.74 -6.05
CA HIS A 125 6.84 -22.76 -5.05
C HIS A 125 6.55 -23.70 -3.89
N GLY A 126 5.59 -24.60 -4.05
CA GLY A 126 5.35 -25.63 -3.07
C GLY A 126 4.29 -25.35 -2.03
N ALA A 127 3.41 -24.37 -2.26
CA ALA A 127 2.35 -24.13 -1.31
C ALA A 127 1.53 -25.41 -1.12
N ASP A 128 1.06 -25.60 0.12
CA ASP A 128 0.46 -26.87 0.53
C ASP A 128 -1.06 -26.76 0.44
N VAL A 129 -1.64 -27.48 -0.52
CA VAL A 129 -3.09 -27.46 -0.70
C VAL A 129 -3.83 -28.16 0.43
N ASN A 130 -3.15 -28.95 1.24
CA ASN A 130 -3.80 -29.69 2.31
C ASN A 130 -3.70 -29.01 3.65
N ALA A 131 -2.96 -27.92 3.76
CA ALA A 131 -2.86 -27.22 5.03
C ALA A 131 -4.22 -26.67 5.42
N GLN A 132 -4.62 -26.96 6.65
CA GLN A 132 -5.85 -26.45 7.21
C GLN A 132 -5.54 -25.38 8.24
N ASP A 133 -6.30 -24.30 8.23
CA ASP A 133 -6.19 -23.32 9.31
C ASP A 133 -6.99 -23.82 10.52
N LYS A 134 -7.02 -23.01 11.57
CA LYS A 134 -7.63 -23.44 12.83
C LYS A 134 -9.13 -23.59 12.72
N PHE A 135 -9.72 -23.16 11.61
CA PHE A 135 -11.15 -23.34 11.34
C PHE A 135 -11.41 -24.53 10.44
N GLY A 136 -10.38 -25.34 10.18
CA GLY A 136 -10.53 -26.52 9.37
C GLY A 136 -10.54 -26.27 7.89
N LYS A 137 -10.17 -25.07 7.46
CA LYS A 137 -10.28 -24.68 6.06
C LYS A 137 -8.95 -24.84 5.35
N THR A 138 -8.99 -25.47 4.18
CA THR A 138 -7.89 -25.37 3.23
C THR A 138 -8.08 -24.12 2.35
N ALA A 139 -7.06 -23.79 1.57
CA ALA A 139 -7.22 -22.69 0.63
C ALA A 139 -8.37 -22.96 -0.33
N PHE A 140 -8.55 -24.22 -0.74
CA PHE A 140 -9.64 -24.57 -1.63
C PHE A 140 -10.99 -24.26 -0.98
N ASP A 141 -11.16 -24.64 0.29
CA ASP A 141 -12.41 -24.35 0.99
C ASP A 141 -12.69 -22.85 0.99
N ILE A 142 -11.65 -22.04 1.23
CA ILE A 142 -11.81 -20.59 1.24
C ILE A 142 -12.27 -20.10 -0.13
N SER A 143 -11.68 -20.62 -1.21
CA SER A 143 -12.08 -20.20 -2.54
C SER A 143 -13.51 -20.64 -2.85
N ILE A 144 -13.95 -21.79 -2.33
CA ILE A 144 -15.36 -22.17 -2.47
C ILE A 144 -16.25 -21.20 -1.69
N ASP A 145 -15.84 -20.88 -0.46
CA ASP A 145 -16.67 -20.01 0.39
C ASP A 145 -16.84 -18.62 -0.22
N ASN A 146 -15.80 -18.07 -0.84
N ASN A 146 -15.81 -18.09 -0.86
CA ASN A 146 -15.93 -16.75 -1.46
CA ASN A 146 -15.85 -16.78 -1.48
C ASN A 146 -16.38 -16.81 -2.92
C ASN A 146 -16.22 -16.84 -2.97
N GLY A 147 -16.60 -18.02 -3.45
CA GLY A 147 -17.15 -18.14 -4.79
C GLY A 147 -16.20 -17.89 -5.93
N ASN A 148 -14.90 -18.02 -5.69
CA ASN A 148 -13.93 -17.77 -6.77
C ASN A 148 -13.68 -19.08 -7.51
N GLU A 149 -14.39 -19.26 -8.62
CA GLU A 149 -14.33 -20.51 -9.36
C GLU A 149 -12.95 -20.75 -9.97
N ASP A 150 -12.33 -19.71 -10.52
CA ASP A 150 -11.03 -19.91 -11.16
C ASP A 150 -9.99 -20.38 -10.15
N ILE A 151 -9.99 -19.81 -8.96
CA ILE A 151 -9.01 -20.22 -7.96
C ILE A 151 -9.34 -21.61 -7.44
N ALA A 152 -10.62 -21.89 -7.19
CA ALA A 152 -11.00 -23.24 -6.78
C ALA A 152 -10.54 -24.27 -7.81
N GLU A 153 -10.70 -23.95 -9.10
CA GLU A 153 -10.29 -24.89 -10.15
C GLU A 153 -8.80 -25.16 -10.11
N VAL A 154 -7.98 -24.11 -9.95
N VAL A 154 -7.98 -24.11 -9.98
CA VAL A 154 -6.53 -24.32 -9.95
CA VAL A 154 -6.54 -24.33 -9.95
C VAL A 154 -6.08 -25.03 -8.69
C VAL A 154 -6.14 -25.12 -8.70
N LEU A 155 -6.75 -24.79 -7.55
CA LEU A 155 -6.40 -25.51 -6.33
C LEU A 155 -6.81 -26.97 -6.42
N GLN A 156 -7.96 -27.25 -7.04
CA GLN A 156 -8.36 -28.65 -7.20
C GLN A 156 -7.42 -29.38 -8.14
N LYS A 157 -7.00 -28.71 -9.22
CA LYS A 157 -6.04 -29.31 -10.12
C LYS A 157 -4.73 -29.61 -9.40
N ALA A 158 -4.23 -28.65 -8.63
CA ALA A 158 -2.99 -28.87 -7.89
C ALA A 158 -3.10 -30.09 -6.98
N ALA A 159 -4.23 -30.21 -6.28
CA ALA A 159 -4.42 -31.34 -5.37
C ALA A 159 -4.43 -32.66 -6.12
N LYS A 160 -5.10 -32.69 -7.28
CA LYS A 160 -5.21 -33.91 -8.05
C LYS A 160 -3.86 -34.36 -8.60
N LEU A 161 -2.98 -33.42 -8.90
CA LEU A 161 -1.71 -33.70 -9.53
C LEU A 161 -0.57 -33.82 -8.53
N ASN A 162 -0.83 -33.58 -7.26
CA ASN A 162 0.15 -33.81 -6.21
C ASN A 162 0.46 -35.30 -6.09
N ASP B 3 -24.18 -5.34 -2.46
CA ASP B 3 -23.66 -3.97 -2.62
C ASP B 3 -22.38 -3.94 -3.45
N LEU B 4 -22.54 -3.66 -4.75
CA LEU B 4 -21.39 -3.68 -5.66
C LEU B 4 -20.38 -2.59 -5.32
N GLY B 5 -20.86 -1.43 -4.89
CA GLY B 5 -19.94 -0.35 -4.51
C GLY B 5 -19.03 -0.75 -3.36
N LYS B 6 -19.58 -1.36 -2.31
CA LYS B 6 -18.76 -1.81 -1.21
C LYS B 6 -17.76 -2.86 -1.69
N LYS B 7 -18.21 -3.79 -2.54
CA LYS B 7 -17.31 -4.78 -3.10
C LYS B 7 -16.20 -4.13 -3.92
N LEU B 8 -16.52 -3.07 -4.66
CA LEU B 8 -15.49 -2.39 -5.45
C LEU B 8 -14.46 -1.71 -4.54
N LEU B 9 -14.91 -1.08 -3.45
CA LEU B 9 -13.99 -0.51 -2.49
C LEU B 9 -13.08 -1.57 -1.89
N GLU B 10 -13.66 -2.72 -1.50
N GLU B 10 -13.65 -2.71 -1.49
CA GLU B 10 -12.86 -3.80 -0.94
CA GLU B 10 -12.82 -3.77 -0.92
C GLU B 10 -11.88 -4.35 -1.96
C GLU B 10 -11.85 -4.31 -1.97
N ALA B 11 -12.30 -4.43 -3.22
CA ALA B 11 -11.41 -4.93 -4.27
C ALA B 11 -10.23 -4.00 -4.47
N ALA B 12 -10.46 -2.68 -4.47
CA ALA B 12 -9.37 -1.73 -4.58
C ALA B 12 -8.43 -1.84 -3.37
N TYR B 13 -9.00 -1.96 -2.17
CA TYR B 13 -8.22 -2.07 -0.94
C TYR B 13 -7.21 -3.20 -1.02
N TYR B 14 -7.66 -4.40 -1.42
CA TYR B 14 -6.86 -5.60 -1.36
C TYR B 14 -6.20 -5.96 -2.67
N GLY B 15 -6.17 -5.03 -3.63
CA GLY B 15 -5.45 -5.27 -4.87
C GLY B 15 -6.11 -6.29 -5.77
N GLN B 16 -7.44 -6.41 -5.73
N GLN B 16 -7.44 -6.43 -5.71
CA GLN B 16 -8.17 -7.43 -6.48
CA GLN B 16 -8.17 -7.44 -6.47
C GLN B 16 -8.48 -6.93 -7.89
C GLN B 16 -8.46 -6.88 -7.85
N LEU B 17 -7.44 -6.87 -8.71
CA LEU B 17 -7.56 -6.29 -10.04
C LEU B 17 -8.61 -7.00 -10.88
N ASP B 18 -8.57 -8.33 -10.92
CA ASP B 18 -9.51 -9.06 -11.76
C ASP B 18 -10.94 -8.83 -11.29
N GLU B 19 -11.14 -8.76 -9.97
CA GLU B 19 -12.47 -8.50 -9.44
C GLU B 19 -12.93 -7.07 -9.75
N VAL B 20 -12.00 -6.11 -9.75
CA VAL B 20 -12.36 -4.75 -10.14
C VAL B 20 -12.99 -4.76 -11.53
N ARG B 21 -12.36 -5.47 -12.48
CA ARG B 21 -12.88 -5.50 -13.83
C ARG B 21 -14.24 -6.18 -13.89
N ILE B 22 -14.38 -7.31 -13.20
CA ILE B 22 -15.65 -8.03 -13.17
C ILE B 22 -16.75 -7.15 -12.61
N LEU B 23 -16.47 -6.48 -11.47
CA LEU B 23 -17.49 -5.65 -10.84
C LEU B 23 -17.95 -4.54 -11.77
N MET B 24 -17.03 -3.88 -12.47
N MET B 24 -16.99 -3.86 -12.41
CA MET B 24 -17.46 -2.79 -13.33
CA MET B 24 -17.32 -2.80 -13.37
C MET B 24 -18.10 -3.27 -14.62
C MET B 24 -18.17 -3.34 -14.50
N ALA B 25 -17.72 -4.44 -15.12
CA ALA B 25 -18.50 -5.08 -16.18
C ALA B 25 -19.92 -5.44 -15.73
N ASN B 26 -20.15 -5.66 -14.44
CA ASN B 26 -21.46 -6.01 -13.92
C ASN B 26 -22.21 -4.82 -13.34
N GLY B 27 -21.74 -3.59 -13.59
CA GLY B 27 -22.52 -2.41 -13.27
C GLY B 27 -22.09 -1.63 -12.05
N ALA B 28 -21.00 -2.02 -11.40
CA ALA B 28 -20.52 -1.27 -10.24
C ALA B 28 -20.19 0.17 -10.63
N ASP B 29 -20.51 1.10 -9.73
CA ASP B 29 -20.21 2.50 -9.93
C ASP B 29 -18.72 2.73 -9.68
N VAL B 30 -18.00 3.10 -10.73
CA VAL B 30 -16.56 3.38 -10.60
C VAL B 30 -16.32 4.48 -9.59
N ASN B 31 -17.31 5.34 -9.36
CA ASN B 31 -17.23 6.43 -8.40
C ASN B 31 -17.94 6.13 -7.09
N ALA B 32 -18.10 4.85 -6.75
CA ALA B 32 -18.57 4.49 -5.43
C ALA B 32 -17.77 5.21 -4.36
N VAL B 33 -18.43 5.54 -3.25
CA VAL B 33 -17.81 6.34 -2.21
C VAL B 33 -18.39 5.92 -0.86
N ASP B 34 -17.54 5.85 0.17
CA ASP B 34 -18.01 5.48 1.49
C ASP B 34 -18.38 6.73 2.30
N VAL B 35 -18.74 6.50 3.56
CA VAL B 35 -19.21 7.58 4.43
C VAL B 35 -18.11 8.59 4.71
N HIS B 36 -16.85 8.20 4.54
CA HIS B 36 -15.71 9.08 4.74
C HIS B 36 -15.32 9.83 3.46
N GLY B 37 -16.04 9.62 2.36
CA GLY B 37 -15.68 10.22 1.09
C GLY B 37 -14.61 9.47 0.33
N ILE B 38 -14.27 8.25 0.73
CA ILE B 38 -13.19 7.50 0.11
C ILE B 38 -13.74 6.69 -1.05
N THR B 39 -13.05 6.74 -2.18
CA THR B 39 -13.42 6.05 -3.41
C THR B 39 -12.44 4.92 -3.71
N PRO B 40 -12.79 4.02 -4.64
CA PRO B 40 -11.81 2.99 -5.04
C PRO B 40 -10.51 3.58 -5.52
N LEU B 41 -10.54 4.70 -6.23
CA LEU B 41 -9.32 5.30 -6.75
C LEU B 41 -8.42 5.80 -5.62
N HIS B 42 -9.00 6.34 -4.54
CA HIS B 42 -8.20 6.71 -3.38
C HIS B 42 -7.44 5.50 -2.85
N LEU B 43 -8.16 4.38 -2.66
CA LEU B 43 -7.57 3.19 -2.06
C LEU B 43 -6.49 2.59 -2.97
N ALA B 44 -6.75 2.54 -4.27
CA ALA B 44 -5.75 2.01 -5.20
C ALA B 44 -4.48 2.86 -5.19
N ALA B 45 -4.64 4.19 -5.09
CA ALA B 45 -3.49 5.07 -5.03
C ALA B 45 -2.73 4.89 -3.72
N TYR B 46 -3.45 4.77 -2.60
CA TYR B 46 -2.81 4.66 -1.29
C TYR B 46 -2.00 3.38 -1.17
N PHE B 47 -2.53 2.27 -1.67
CA PHE B 47 -1.92 0.96 -1.54
C PHE B 47 -1.03 0.59 -2.74
N GLY B 48 -0.81 1.52 -3.65
CA GLY B 48 0.18 1.30 -4.70
C GLY B 48 -0.24 0.36 -5.81
N HIS B 49 -1.53 0.28 -6.10
CA HIS B 49 -2.01 -0.65 -7.13
C HIS B 49 -2.14 0.10 -8.45
N LEU B 50 -1.04 0.15 -9.19
CA LEU B 50 -0.99 0.95 -10.40
C LEU B 50 -2.00 0.47 -11.44
N GLU B 51 -2.09 -0.84 -11.66
CA GLU B 51 -2.97 -1.34 -12.70
C GLU B 51 -4.43 -1.08 -12.33
N ILE B 52 -4.76 -1.12 -11.04
CA ILE B 52 -6.11 -0.79 -10.62
C ILE B 52 -6.38 0.69 -10.82
N VAL B 53 -5.41 1.55 -10.53
CA VAL B 53 -5.56 2.98 -10.83
C VAL B 53 -5.90 3.16 -12.30
N GLU B 54 -5.16 2.48 -13.17
CA GLU B 54 -5.37 2.62 -14.61
C GLU B 54 -6.76 2.16 -15.02
N VAL B 55 -7.19 1.00 -14.53
N VAL B 55 -7.21 1.01 -14.52
CA VAL B 55 -8.50 0.49 -14.92
CA VAL B 55 -8.51 0.50 -14.96
C VAL B 55 -9.61 1.41 -14.42
C VAL B 55 -9.64 1.36 -14.41
N LEU B 56 -9.50 1.90 -13.19
CA LEU B 56 -10.51 2.80 -12.66
C LEU B 56 -10.60 4.07 -13.51
N LEU B 57 -9.46 4.65 -13.86
CA LEU B 57 -9.48 5.85 -14.70
C LEU B 57 -10.06 5.55 -16.07
N LYS B 58 -9.67 4.43 -16.67
CA LYS B 58 -10.18 4.10 -17.99
C LYS B 58 -11.69 3.92 -17.98
N THR B 59 -12.24 3.47 -16.86
N THR B 59 -12.25 3.45 -16.87
CA THR B 59 -13.66 3.17 -16.72
CA THR B 59 -13.68 3.18 -16.78
C THR B 59 -14.47 4.33 -16.16
C THR B 59 -14.45 4.32 -16.10
N GLY B 60 -13.84 5.50 -15.98
CA GLY B 60 -14.57 6.71 -15.66
C GLY B 60 -14.36 7.30 -14.29
N ALA B 61 -13.42 6.79 -13.49
CA ALA B 61 -13.26 7.32 -12.13
C ALA B 61 -12.92 8.80 -12.15
N ASP B 62 -13.51 9.53 -11.20
CA ASP B 62 -13.20 10.95 -10.99
C ASP B 62 -11.79 11.07 -10.41
N VAL B 63 -10.86 11.56 -11.23
CA VAL B 63 -9.44 11.65 -10.84
C VAL B 63 -9.28 12.62 -9.67
N ASN B 64 -10.22 13.56 -9.49
CA ASN B 64 -10.10 14.58 -8.46
C ASN B 64 -11.05 14.36 -7.29
N ALA B 65 -11.55 13.14 -7.11
CA ALA B 65 -12.45 12.89 -5.99
C ALA B 65 -11.78 13.34 -4.68
N ARG B 66 -12.54 14.08 -3.87
CA ARG B 66 -12.08 14.53 -2.57
C ARG B 66 -12.83 13.80 -1.46
N ASP B 67 -12.10 13.26 -0.49
CA ASP B 67 -12.75 12.66 0.66
C ASP B 67 -13.20 13.78 1.59
N ASN B 68 -13.75 13.42 2.76
CA ASN B 68 -14.32 14.46 3.62
C ASN B 68 -13.26 15.37 4.20
N ARG B 69 -11.98 15.03 4.09
CA ARG B 69 -10.89 15.88 4.52
C ARG B 69 -10.21 16.58 3.36
N GLY B 70 -10.80 16.55 2.17
CA GLY B 70 -10.23 17.18 1.01
C GLY B 70 -9.08 16.44 0.39
N ILE B 71 -8.83 15.21 0.82
CA ILE B 71 -7.73 14.41 0.29
C ILE B 71 -8.14 13.78 -1.03
N THR B 72 -7.27 13.90 -2.02
CA THR B 72 -7.46 13.38 -3.36
C THR B 72 -6.58 12.15 -3.56
N PRO B 73 -6.87 11.34 -4.59
CA PRO B 73 -5.95 10.22 -4.89
C PRO B 73 -4.53 10.69 -5.10
N LEU B 74 -4.33 11.86 -5.70
CA LEU B 74 -2.97 12.35 -5.93
C LEU B 74 -2.25 12.65 -4.60
N HIS B 75 -2.96 13.22 -3.62
CA HIS B 75 -2.37 13.41 -2.29
C HIS B 75 -1.84 12.08 -1.76
N LEU B 76 -2.67 11.03 -1.86
CA LEU B 76 -2.30 9.75 -1.28
C LEU B 76 -1.13 9.10 -2.00
N ALA B 77 -1.13 9.12 -3.33
CA ALA B 77 -0.01 8.53 -4.06
C ALA B 77 1.28 9.29 -3.82
N ALA B 78 1.20 10.63 -3.75
CA ALA B 78 2.39 11.42 -3.51
C ALA B 78 2.96 11.17 -2.12
N ALA B 79 2.10 11.11 -1.10
CA ALA B 79 2.57 10.87 0.25
C ALA B 79 3.17 9.48 0.41
N MET B 80 2.57 8.48 -0.23
CA MET B 80 2.98 7.09 -0.06
C MET B 80 4.08 6.68 -1.03
N GLY B 81 4.58 7.60 -1.82
CA GLY B 81 5.79 7.33 -2.59
C GLY B 81 5.61 6.58 -3.89
N HIS B 82 4.44 6.64 -4.50
CA HIS B 82 4.12 5.89 -5.70
C HIS B 82 4.20 6.81 -6.90
N LEU B 83 5.40 6.89 -7.47
CA LEU B 83 5.66 7.89 -8.52
C LEU B 83 4.89 7.60 -9.80
N GLU B 84 4.87 6.35 -10.26
CA GLU B 84 4.16 6.07 -11.50
C GLU B 84 2.67 6.38 -11.35
N ILE B 85 2.08 6.07 -10.20
CA ILE B 85 0.68 6.43 -9.97
C ILE B 85 0.52 7.94 -10.00
N VAL B 86 1.41 8.69 -9.35
CA VAL B 86 1.38 10.15 -9.40
C VAL B 86 1.33 10.61 -10.84
N GLU B 87 2.19 10.05 -11.69
CA GLU B 87 2.25 10.46 -13.08
C GLU B 87 0.96 10.13 -13.82
N VAL B 88 0.43 8.93 -13.62
N VAL B 88 0.41 8.95 -13.60
CA VAL B 88 -0.79 8.53 -14.30
CA VAL B 88 -0.80 8.58 -14.36
C VAL B 88 -1.93 9.46 -13.91
C VAL B 88 -1.99 9.40 -13.90
N LEU B 89 -2.07 9.74 -12.61
CA LEU B 89 -3.12 10.64 -12.15
C LEU B 89 -2.98 12.01 -12.78
N LEU B 90 -1.76 12.56 -12.81
CA LEU B 90 -1.54 13.86 -13.44
C LEU B 90 -1.93 13.82 -14.91
N LYS B 91 -1.55 12.75 -15.61
CA LYS B 91 -1.87 12.66 -17.04
C LYS B 91 -3.37 12.56 -17.26
N ALA B 92 -4.11 12.05 -16.29
CA ALA B 92 -5.56 11.94 -16.38
C ALA B 92 -6.28 13.18 -15.84
N GLY B 93 -5.57 14.25 -15.53
CA GLY B 93 -6.19 15.51 -15.18
C GLY B 93 -6.21 15.85 -13.70
N ALA B 94 -5.43 15.15 -12.89
CA ALA B 94 -5.46 15.43 -11.46
C ALA B 94 -5.01 16.86 -11.18
N ASP B 95 -5.69 17.51 -10.24
CA ASP B 95 -5.31 18.85 -9.80
C ASP B 95 -3.99 18.79 -9.04
N VAL B 96 -2.94 19.35 -9.61
CA VAL B 96 -1.60 19.25 -9.03
C VAL B 96 -1.50 19.98 -7.70
N ASN B 97 -2.29 21.06 -7.53
CA ASN B 97 -2.27 21.86 -6.32
C ASN B 97 -3.54 21.70 -5.48
N ALA B 98 -4.17 20.53 -5.52
CA ALA B 98 -5.35 20.32 -4.70
C ALA B 98 -5.02 20.57 -3.24
N PHE B 99 -5.86 21.35 -2.57
CA PHE B 99 -5.68 21.68 -1.15
C PHE B 99 -6.61 20.80 -0.32
N ASP B 100 -6.03 20.04 0.61
CA ASP B 100 -6.85 19.32 1.58
C ASP B 100 -7.31 20.29 2.66
N GLU B 101 -8.04 19.78 3.65
CA GLU B 101 -8.62 20.65 4.68
C GLU B 101 -7.57 21.22 5.63
N ALA B 102 -6.35 20.69 5.63
CA ALA B 102 -5.24 21.30 6.36
C ALA B 102 -4.46 22.28 5.49
N GLY B 103 -4.90 22.50 4.26
CA GLY B 103 -4.21 23.38 3.33
C GLY B 103 -3.01 22.75 2.67
N ASP B 104 -2.80 21.45 2.82
CA ASP B 104 -1.66 20.79 2.20
C ASP B 104 -1.99 20.37 0.77
N THR B 105 -1.04 20.59 -0.12
CA THR B 105 -1.10 20.13 -1.49
C THR B 105 -0.29 18.86 -1.63
N PRO B 106 -0.38 18.19 -2.78
CA PRO B 106 0.50 17.03 -3.03
C PRO B 106 1.98 17.38 -2.89
N LEU B 107 2.38 18.59 -3.28
CA LEU B 107 3.78 18.98 -3.10
C LEU B 107 4.14 19.03 -1.62
N HIS B 108 3.24 19.56 -0.77
CA HIS B 108 3.54 19.57 0.65
C HIS B 108 3.75 18.15 1.17
N LEU B 109 2.92 17.21 0.74
CA LEU B 109 3.00 15.86 1.28
C LEU B 109 4.21 15.12 0.73
N ALA B 110 4.54 15.33 -0.55
CA ALA B 110 5.74 14.73 -1.10
C ALA B 110 6.98 15.25 -0.38
N ALA B 111 7.00 16.55 -0.05
CA ALA B 111 8.11 17.09 0.74
C ALA B 111 8.09 16.53 2.15
N LEU B 112 6.92 16.43 2.77
CA LEU B 112 6.81 15.91 4.12
C LEU B 112 7.41 14.51 4.24
N LYS B 113 7.13 13.65 3.27
CA LYS B 113 7.63 12.28 3.28
C LYS B 113 8.90 12.11 2.45
N GLY B 114 9.53 13.21 2.06
CA GLY B 114 10.89 13.14 1.55
C GLY B 114 11.04 12.43 0.22
N HIS B 115 10.07 12.57 -0.67
CA HIS B 115 10.10 11.87 -1.95
C HIS B 115 10.60 12.81 -3.04
N LEU B 116 11.91 12.79 -3.28
N LEU B 116 11.90 12.75 -3.32
CA LEU B 116 12.53 13.77 -4.16
CA LEU B 116 12.54 13.76 -4.16
C LEU B 116 11.91 13.73 -5.56
C LEU B 116 12.02 13.75 -5.59
N GLU B 117 11.93 12.57 -6.20
CA GLU B 117 11.52 12.50 -7.60
C GLU B 117 10.03 12.74 -7.76
N ILE B 118 9.24 12.45 -6.73
CA ILE B 118 7.83 12.83 -6.76
C ILE B 118 7.69 14.35 -6.71
N VAL B 119 8.48 15.00 -5.85
CA VAL B 119 8.54 16.47 -5.87
C VAL B 119 8.84 16.96 -7.28
N GLU B 120 9.82 16.34 -7.95
CA GLU B 120 10.20 16.76 -9.29
C GLU B 120 9.06 16.59 -10.29
N VAL B 121 8.37 15.45 -10.26
CA VAL B 121 7.23 15.23 -11.14
C VAL B 121 6.17 16.30 -10.92
N LEU B 122 5.86 16.56 -9.66
CA LEU B 122 4.82 17.54 -9.34
C LEU B 122 5.21 18.92 -9.85
N LEU B 123 6.46 19.32 -9.66
CA LEU B 123 6.91 20.62 -10.17
C LEU B 123 6.81 20.68 -11.68
N LYS B 124 7.18 19.59 -12.37
CA LYS B 124 7.09 19.59 -13.83
C LYS B 124 5.66 19.75 -14.30
N HIS B 125 4.68 19.43 -13.46
CA HIS B 125 3.27 19.56 -13.80
C HIS B 125 2.62 20.78 -13.19
N GLY B 126 3.41 21.74 -12.73
CA GLY B 126 2.89 23.02 -12.31
C GLY B 126 2.63 23.17 -10.83
N ALA B 127 3.22 22.33 -9.99
CA ALA B 127 3.00 22.49 -8.56
C ALA B 127 3.47 23.85 -8.09
N ASP B 128 2.74 24.42 -7.14
CA ASP B 128 2.93 25.80 -6.72
C ASP B 128 3.88 25.85 -5.52
N VAL B 129 5.10 26.33 -5.76
CA VAL B 129 6.08 26.42 -4.68
C VAL B 129 5.67 27.41 -3.59
N ASN B 130 4.79 28.36 -3.90
CA ASN B 130 4.42 29.39 -2.93
C ASN B 130 3.23 29.04 -2.07
N ALA B 131 2.55 27.94 -2.37
CA ALA B 131 1.34 27.60 -1.64
C ALA B 131 1.67 27.32 -0.19
N GLN B 132 0.92 27.94 0.72
CA GLN B 132 1.07 27.71 2.15
C GLN B 132 -0.11 26.91 2.67
N ASP B 133 0.16 25.95 3.55
CA ASP B 133 -0.92 25.23 4.20
C ASP B 133 -1.45 26.07 5.37
N LYS B 134 -2.39 25.52 6.11
CA LYS B 134 -3.03 26.29 7.17
C LYS B 134 -2.10 26.57 8.35
N PHE B 135 -0.93 25.95 8.38
CA PHE B 135 0.09 26.22 9.38
C PHE B 135 1.12 27.22 8.88
N GLY B 136 0.90 27.81 7.71
CA GLY B 136 1.79 28.80 7.16
C GLY B 136 2.99 28.24 6.45
N LYS B 137 3.00 26.94 6.15
CA LYS B 137 4.17 26.27 5.63
C LYS B 137 4.08 26.07 4.13
N THR B 138 5.17 26.39 3.43
CA THR B 138 5.35 25.95 2.05
C THR B 138 6.02 24.58 2.04
N ALA B 139 6.04 23.95 0.86
CA ALA B 139 6.76 22.69 0.74
C ALA B 139 8.23 22.88 1.10
N PHE B 140 8.80 24.03 0.73
CA PHE B 140 10.19 24.31 1.07
C PHE B 140 10.37 24.35 2.57
N ASP B 141 9.47 25.05 3.27
CA ASP B 141 9.53 25.10 4.73
C ASP B 141 9.52 23.70 5.32
N ILE B 142 8.65 22.83 4.81
CA ILE B 142 8.56 21.45 5.29
C ILE B 142 9.89 20.73 5.06
N SER B 143 10.52 20.94 3.90
N SER B 143 10.49 20.91 3.88
CA SER B 143 11.78 20.26 3.64
CA SER B 143 11.79 20.28 3.61
C SER B 143 12.91 20.79 4.52
C SER B 143 12.84 20.76 4.60
N ILE B 144 12.85 22.05 4.92
CA ILE B 144 13.80 22.58 5.89
C ILE B 144 13.53 21.95 7.26
N ASP B 145 12.25 21.93 7.68
CA ASP B 145 11.93 21.39 8.99
C ASP B 145 12.34 19.93 9.12
N ASN B 146 12.26 19.17 8.04
CA ASN B 146 12.61 17.75 8.05
C ASN B 146 14.07 17.52 7.66
N GLY B 147 14.82 18.59 7.39
CA GLY B 147 16.24 18.46 7.14
C GLY B 147 16.61 17.85 5.81
N ASN B 148 15.73 17.92 4.81
CA ASN B 148 15.99 17.31 3.51
C ASN B 148 16.57 18.38 2.59
N GLU B 149 17.89 18.44 2.52
CA GLU B 149 18.53 19.49 1.74
C GLU B 149 18.34 19.29 0.25
N ASP B 150 18.31 18.04 -0.23
CA ASP B 150 18.16 17.81 -1.66
C ASP B 150 16.81 18.32 -2.14
N ILE B 151 15.74 18.01 -1.41
N ILE B 151 15.74 18.03 -1.40
CA ILE B 151 14.42 18.51 -1.80
CA ILE B 151 14.42 18.51 -1.79
C ILE B 151 14.37 20.03 -1.69
C ILE B 151 14.34 20.03 -1.68
N ALA B 152 14.92 20.59 -0.61
CA ALA B 152 14.94 22.04 -0.46
C ALA B 152 15.63 22.69 -1.65
N GLU B 153 16.74 22.13 -2.11
N GLU B 153 16.74 22.13 -2.11
CA GLU B 153 17.45 22.70 -3.26
CA GLU B 153 17.45 22.69 -3.25
C GLU B 153 16.62 22.60 -4.54
C GLU B 153 16.60 22.60 -4.51
N VAL B 154 15.92 21.48 -4.73
CA VAL B 154 15.09 21.33 -5.92
C VAL B 154 13.99 22.38 -5.93
N LEU B 155 13.37 22.62 -4.77
CA LEU B 155 12.29 23.59 -4.68
C LEU B 155 12.80 25.00 -4.89
N GLN B 156 14.02 25.29 -4.43
CA GLN B 156 14.63 26.59 -4.65
C GLN B 156 14.94 26.81 -6.13
N LYS B 157 15.52 25.81 -6.79
CA LYS B 157 15.80 25.93 -8.21
C LYS B 157 14.51 26.20 -8.99
N ALA B 158 13.43 25.48 -8.62
CA ALA B 158 12.15 25.70 -9.31
C ALA B 158 11.68 27.12 -9.12
N ALA B 159 11.75 27.65 -7.90
CA ALA B 159 11.35 29.03 -7.67
C ALA B 159 12.19 30.00 -8.51
N LYS B 160 13.51 29.73 -8.62
CA LYS B 160 14.40 30.61 -9.37
C LYS B 160 14.02 30.65 -10.85
N LEU B 161 13.70 29.49 -11.43
CA LEU B 161 13.43 29.40 -12.86
C LEU B 161 11.99 29.74 -13.22
N ASN B 162 11.13 29.95 -12.23
CA ASN B 162 9.74 30.32 -12.50
C ASN B 162 9.61 31.60 -13.33
N SER C 5 -15.97 -6.49 16.32
CA SER C 5 -14.51 -6.48 16.26
C SER C 5 -14.04 -7.28 15.07
N ILE C 6 -12.80 -7.79 15.13
CA ILE C 6 -12.34 -8.70 14.09
C ILE C 6 -13.18 -9.97 14.16
N ARG C 7 -13.74 -10.35 13.03
CA ARG C 7 -14.63 -11.51 13.02
C ARG C 7 -13.82 -12.79 13.09
N ILE C 8 -14.39 -13.77 13.78
CA ILE C 8 -13.69 -15.00 14.11
C ILE C 8 -13.81 -15.94 12.93
N GLY C 9 -12.66 -16.29 12.35
CA GLY C 9 -12.62 -17.16 11.20
C GLY C 9 -11.39 -16.90 10.37
N PRO C 10 -11.34 -17.55 9.21
CA PRO C 10 -10.18 -17.39 8.32
C PRO C 10 -9.82 -15.93 8.11
N GLY C 11 -8.51 -15.65 8.10
CA GLY C 11 -8.01 -14.31 7.91
C GLY C 11 -7.86 -13.49 9.17
N GLN C 12 -8.33 -13.98 10.31
CA GLN C 12 -8.40 -13.11 11.49
C GLN C 12 -7.04 -12.60 11.93
N ALA C 13 -5.98 -13.41 11.83
CA ALA C 13 -4.66 -12.95 12.23
C ALA C 13 -4.13 -11.90 11.26
N PHE C 14 -4.32 -12.12 9.96
CA PHE C 14 -4.00 -11.12 8.96
C PHE C 14 -4.71 -9.80 9.24
N TYR C 15 -6.03 -9.84 9.48
CA TYR C 15 -6.74 -8.60 9.68
C TYR C 15 -6.27 -7.88 10.95
N ALA C 16 -5.92 -8.65 11.98
CA ALA C 16 -5.41 -8.04 13.21
C ALA C 16 -4.08 -7.31 12.97
N THR C 17 -3.18 -7.94 12.20
CA THR C 17 -1.97 -7.23 11.81
C THR C 17 -2.27 -5.99 10.98
N GLY C 18 -3.18 -6.11 10.02
CA GLY C 18 -3.56 -4.94 9.25
C GLY C 18 -4.09 -3.80 10.11
N ASP C 19 -4.90 -4.13 11.11
N ASP C 19 -4.89 -4.14 11.12
CA ASP C 19 -5.42 -3.08 11.97
CA ASP C 19 -5.45 -3.12 12.01
C ASP C 19 -4.29 -2.40 12.73
C ASP C 19 -4.36 -2.43 12.83
N ILE C 20 -3.35 -3.18 13.25
CA ILE C 20 -2.22 -2.60 13.95
C ILE C 20 -1.41 -1.69 13.01
N ILE C 21 -1.14 -2.18 11.79
CA ILE C 21 -0.43 -1.37 10.82
C ILE C 21 -1.15 -0.04 10.59
N GLY C 22 -2.49 -0.09 10.57
CA GLY C 22 -3.27 1.11 10.31
C GLY C 22 -3.17 2.15 11.39
N ASP C 23 -2.70 1.77 12.58
CA ASP C 23 -2.60 2.69 13.71
C ASP C 23 -1.19 3.26 13.88
N ILE C 24 -0.23 2.84 13.04
CA ILE C 24 1.12 3.41 13.08
C ILE C 24 1.16 4.80 12.47
N ARG D 3 -4.93 11.06 18.55
CA ARG D 3 -4.76 9.91 17.67
C ARG D 3 -4.01 10.29 16.39
N LYS D 4 -3.77 9.29 15.55
CA LYS D 4 -3.23 9.53 14.21
C LYS D 4 -4.10 10.50 13.42
N SER D 5 -5.36 10.67 13.78
CA SER D 5 -6.26 11.57 13.06
C SER D 5 -6.18 13.02 13.55
N ILE D 6 -5.38 13.31 14.57
CA ILE D 6 -5.28 14.68 15.08
C ILE D 6 -3.81 15.02 15.31
N ARG D 7 -2.97 14.79 14.31
CA ARG D 7 -1.57 15.21 14.35
C ARG D 7 -1.53 16.62 13.74
N ILE D 8 -1.45 17.63 14.60
CA ILE D 8 -1.61 19.01 14.16
C ILE D 8 -0.33 19.50 13.50
N GLY D 9 -0.41 19.87 12.25
CA GLY D 9 0.73 20.32 11.49
C GLY D 9 0.68 19.74 10.11
N PRO D 10 1.67 20.04 9.27
CA PRO D 10 1.67 19.52 7.91
C PRO D 10 1.39 18.02 7.88
N GLY D 11 0.49 17.61 6.99
CA GLY D 11 0.07 16.24 6.87
C GLY D 11 -1.16 15.86 7.68
N GLN D 12 -1.71 16.79 8.48
CA GLN D 12 -2.78 16.44 9.40
C GLN D 12 -3.96 15.77 8.69
N ALA D 13 -4.42 16.34 7.57
CA ALA D 13 -5.57 15.75 6.88
C ALA D 13 -5.20 14.40 6.28
N PHE D 14 -3.99 14.30 5.71
CA PHE D 14 -3.50 13.05 5.17
C PHE D 14 -3.46 11.96 6.24
N TYR D 15 -2.89 12.25 7.41
CA TYR D 15 -2.80 11.24 8.45
C TYR D 15 -4.18 10.80 8.90
N ALA D 16 -5.12 11.75 8.96
CA ALA D 16 -6.49 11.42 9.34
C ALA D 16 -7.14 10.49 8.31
N THR D 17 -6.93 10.73 7.02
CA THR D 17 -7.42 9.80 6.01
C THR D 17 -6.73 8.44 6.16
N GLY D 18 -5.42 8.43 6.39
CA GLY D 18 -4.74 7.15 6.62
C GLY D 18 -5.31 6.39 7.80
N ASP D 19 -5.60 7.09 8.89
CA ASP D 19 -6.18 6.45 10.07
C ASP D 19 -7.52 5.82 9.72
N ILE D 20 -8.34 6.51 8.95
CA ILE D 20 -9.62 5.95 8.51
C ILE D 20 -9.40 4.76 7.60
N ILE D 21 -8.48 4.88 6.64
CA ILE D 21 -8.22 3.75 5.75
C ILE D 21 -7.83 2.52 6.56
N GLY D 22 -7.10 2.72 7.66
CA GLY D 22 -6.66 1.63 8.50
C GLY D 22 -7.78 0.98 9.27
N ASP D 23 -8.98 1.57 9.28
CA ASP D 23 -10.12 1.10 10.04
C ASP D 23 -11.25 0.56 9.18
N ILE D 24 -11.22 0.75 7.87
CA ILE D 24 -12.32 0.30 7.03
C ILE D 24 -12.02 -1.06 6.40
#